data_3I3F
#
_entry.id   3I3F
#
_cell.length_a   119.900
_cell.length_b   119.900
_cell.length_c   104.590
_cell.angle_alpha   90.000
_cell.angle_beta   90.000
_cell.angle_gamma   90.000
#
_symmetry.space_group_name_H-M   'I 41 2 2'
#
loop_
_entity.id
_entity.type
_entity.pdbx_description
1 polymer 'Hypothetical protein'
2 non-polymer 'PENTANOIC ACID'
3 non-polymer 'butanoic acid'
4 water water
#
_entity_poly.entity_id   1
_entity_poly.type   'polypeptide(L)'
_entity_poly.pdbx_seq_one_letter_code
;MIYGILSKNLGMPTPTFLVCPDVVKFENVGQIAVVNGMVYLGGSVGIDKSGTLHKGLEEQTRQTFDNIRKCLEYANSGLD
YIVSLNIFLSTSLSDSEEARFNELYREVFCVPATRPCRCCVRAQLQEGLLVEVVNVVAAQK
;
_entity_poly.pdbx_strand_id   A,B,C
#
loop_
_chem_comp.id
_chem_comp.type
_chem_comp.name
_chem_comp.formula
BUA non-polymer 'butanoic acid' 'C4 H8 O2'
LEA non-polymer 'PENTANOIC ACID' 'C5 H10 O2'
#
# COMPACT_ATOMS: atom_id res chain seq x y z
N GLY A 11 2.68 -29.47 -4.14
CA GLY A 11 3.43 -28.25 -4.55
C GLY A 11 2.52 -27.04 -4.69
N MET A 12 3.07 -25.86 -4.43
CA MET A 12 2.30 -24.61 -4.49
C MET A 12 2.57 -23.88 -5.81
N PRO A 13 1.59 -23.08 -6.28
CA PRO A 13 1.77 -22.38 -7.55
C PRO A 13 2.73 -21.20 -7.43
N THR A 14 3.50 -20.98 -8.50
CA THR A 14 4.41 -19.84 -8.54
C THR A 14 3.65 -18.57 -8.96
N PRO A 15 4.09 -17.41 -8.44
CA PRO A 15 3.65 -16.17 -9.08
C PRO A 15 4.31 -16.02 -10.43
N THR A 16 3.65 -15.34 -11.36
CA THR A 16 4.18 -15.10 -12.69
C THR A 16 4.32 -13.60 -12.91
N PHE A 17 5.40 -13.20 -13.57
CA PHE A 17 5.68 -11.80 -13.82
C PHE A 17 5.60 -11.53 -15.31
N LEU A 18 4.84 -10.50 -15.68
CA LEU A 18 4.54 -10.19 -17.07
C LEU A 18 4.99 -8.78 -17.41
N VAL A 19 5.27 -8.56 -18.69
CA VAL A 19 5.53 -7.22 -19.21
C VAL A 19 4.69 -7.02 -20.47
N CYS A 20 3.75 -6.08 -20.39
CA CYS A 20 2.97 -5.68 -21.55
C CYS A 20 3.88 -4.85 -22.46
N PRO A 21 4.09 -5.31 -23.71
CA PRO A 21 5.02 -4.61 -24.60
C PRO A 21 4.58 -3.20 -25.01
N ASP A 22 3.32 -2.84 -24.78
CA ASP A 22 2.79 -1.52 -25.15
CA ASP A 22 2.78 -1.52 -25.14
C ASP A 22 2.81 -0.54 -23.97
N VAL A 23 3.39 -0.96 -22.84
CA VAL A 23 3.49 -0.10 -21.66
C VAL A 23 4.94 -0.03 -21.19
N VAL A 24 5.38 1.18 -20.84
CA VAL A 24 6.74 1.41 -20.35
C VAL A 24 7.10 0.46 -19.20
N LYS A 25 8.33 -0.03 -19.23
CA LYS A 25 8.85 -0.96 -18.24
C LYS A 25 10.07 -0.32 -17.58
N PHE A 26 10.08 -0.29 -16.25
CA PHE A 26 11.20 0.29 -15.50
C PHE A 26 12.09 -0.80 -14.93
N GLU A 27 13.40 -0.59 -15.01
CA GLU A 27 14.41 -1.59 -14.63
C GLU A 27 14.17 -2.24 -13.27
N ASN A 28 13.87 -1.41 -12.27
CA ASN A 28 13.76 -1.87 -10.89
C ASN A 28 12.37 -2.39 -10.51
N VAL A 29 11.42 -2.29 -11.43
CA VAL A 29 10.00 -2.40 -11.10
C VAL A 29 9.30 -3.51 -11.89
N GLY A 30 8.81 -4.52 -11.18
CA GLY A 30 7.91 -5.50 -11.79
C GLY A 30 6.67 -4.76 -12.26
N GLN A 31 6.32 -4.94 -13.53
CA GLN A 31 5.20 -4.22 -14.11
C GLN A 31 3.87 -4.89 -13.73
N ILE A 32 3.84 -6.21 -13.84
CA ILE A 32 2.64 -7.00 -13.62
C ILE A 32 3.04 -8.30 -12.93
N ALA A 33 2.29 -8.68 -11.88
CA ALA A 33 2.45 -9.99 -11.26
C ALA A 33 1.09 -10.65 -11.15
N VAL A 34 1.03 -11.95 -11.46
CA VAL A 34 -0.20 -12.73 -11.34
C VAL A 34 0.02 -13.88 -10.37
N VAL A 35 -0.89 -14.03 -9.41
CA VAL A 35 -0.82 -15.10 -8.42
C VAL A 35 -2.24 -15.52 -8.00
N ASN A 36 -2.56 -16.79 -8.17
CA ASN A 36 -3.84 -17.35 -7.71
C ASN A 36 -5.06 -16.56 -8.18
N GLY A 37 -5.08 -16.21 -9.47
CA GLY A 37 -6.21 -15.49 -10.05
C GLY A 37 -6.29 -14.01 -9.69
N MET A 38 -5.23 -13.46 -9.11
CA MET A 38 -5.18 -12.05 -8.76
C MET A 38 -4.00 -11.39 -9.49
N VAL A 39 -4.22 -10.15 -9.91
CA VAL A 39 -3.20 -9.38 -10.61
C VAL A 39 -2.75 -8.20 -9.75
N TYR A 40 -1.44 -8.03 -9.65
CA TYR A 40 -0.83 -6.89 -8.95
C TYR A 40 -0.02 -6.10 -9.98
N LEU A 41 0.00 -4.77 -9.83
CA LEU A 41 0.79 -3.93 -10.72
C LEU A 41 1.86 -3.17 -9.94
N GLY A 42 3.02 -2.97 -10.58
CA GLY A 42 4.00 -2.03 -10.09
C GLY A 42 3.49 -0.61 -10.27
N GLY A 43 4.18 0.36 -9.70
CA GLY A 43 3.77 1.76 -9.79
C GLY A 43 3.56 2.20 -11.23
N SER A 44 2.45 2.91 -11.47
CA SER A 44 2.13 3.42 -12.79
CA SER A 44 2.13 3.41 -12.79
C SER A 44 2.20 4.94 -12.80
N VAL A 45 2.79 5.49 -13.85
CA VAL A 45 2.98 6.92 -13.99
C VAL A 45 2.68 7.35 -15.42
N GLY A 46 2.65 8.65 -15.65
CA GLY A 46 2.21 9.21 -16.94
C GLY A 46 3.27 9.23 -18.02
N ILE A 47 3.94 8.10 -18.22
CA ILE A 47 4.99 7.95 -19.23
C ILE A 47 4.49 6.98 -20.29
N ASP A 48 4.64 7.35 -21.56
CA ASP A 48 4.17 6.51 -22.67
C ASP A 48 5.23 5.48 -23.04
N LYS A 49 4.92 4.62 -24.01
CA LYS A 49 5.81 3.51 -24.38
C LYS A 49 7.19 4.01 -24.88
N SER A 50 7.21 5.17 -25.53
CA SER A 50 8.47 5.74 -26.01
C SER A 50 9.36 6.27 -24.88
N GLY A 51 8.82 6.31 -23.65
CA GLY A 51 9.58 6.77 -22.49
C GLY A 51 9.41 8.25 -22.21
N THR A 52 8.44 8.88 -22.87
CA THR A 52 8.19 10.31 -22.73
C THR A 52 7.19 10.56 -21.61
N LEU A 53 7.60 11.39 -20.64
CA LEU A 53 6.71 11.84 -19.57
C LEU A 53 5.81 12.94 -20.13
N HIS A 54 4.50 12.73 -20.07
CA HIS A 54 3.54 13.70 -20.60
C HIS A 54 3.50 14.96 -19.74
N LYS A 55 3.07 16.07 -20.34
CA LYS A 55 3.12 17.38 -19.72
C LYS A 55 1.83 17.73 -18.99
N GLY A 56 1.94 18.04 -17.70
CA GLY A 56 0.79 18.48 -16.92
C GLY A 56 0.04 17.34 -16.24
N LEU A 57 -0.73 17.71 -15.22
CA LEU A 57 -1.47 16.75 -14.41
C LEU A 57 -2.45 15.93 -15.25
N GLU A 58 -3.20 16.60 -16.12
CA GLU A 58 -4.24 15.93 -16.90
C GLU A 58 -3.68 14.84 -17.81
N GLU A 59 -2.68 15.17 -18.62
CA GLU A 59 -2.11 14.21 -19.55
C GLU A 59 -1.35 13.08 -18.84
N GLN A 60 -0.67 13.39 -17.75
CA GLN A 60 -0.04 12.35 -16.94
C GLN A 60 -1.09 11.41 -16.35
N THR A 61 -2.22 11.96 -15.90
CA THR A 61 -3.29 11.15 -15.34
C THR A 61 -3.90 10.21 -16.39
N ARG A 62 -4.20 10.75 -17.57
CA ARG A 62 -4.78 9.93 -18.64
CA ARG A 62 -4.78 9.92 -18.63
C ARG A 62 -3.82 8.81 -19.06
N GLN A 63 -2.53 9.14 -19.19
CA GLN A 63 -1.52 8.16 -19.56
C GLN A 63 -1.35 7.08 -18.49
N THR A 64 -1.40 7.49 -17.22
CA THR A 64 -1.27 6.54 -16.11
C THR A 64 -2.37 5.48 -16.14
N PHE A 65 -3.61 5.90 -16.33
CA PHE A 65 -4.72 4.95 -16.34
C PHE A 65 -4.80 4.16 -17.64
N ASP A 66 -4.30 4.73 -18.74
CA ASP A 66 -4.15 3.96 -19.98
C ASP A 66 -3.14 2.82 -19.79
N ASN A 67 -2.01 3.13 -19.14
CA ASN A 67 -1.02 2.12 -18.79
C ASN A 67 -1.62 1.00 -17.93
N ILE A 68 -2.36 1.40 -16.89
CA ILE A 68 -3.02 0.45 -16.01
C ILE A 68 -4.02 -0.43 -16.76
N ARG A 69 -4.83 0.18 -17.61
CA ARG A 69 -5.81 -0.56 -18.41
C ARG A 69 -5.12 -1.60 -19.29
N LYS A 70 -4.09 -1.18 -20.01
CA LYS A 70 -3.36 -2.08 -20.91
C LYS A 70 -2.69 -3.23 -20.16
N CYS A 71 -2.06 -2.92 -19.03
CA CYS A 71 -1.43 -3.96 -18.21
C CYS A 71 -2.45 -4.99 -17.73
N LEU A 72 -3.57 -4.51 -17.19
CA LEU A 72 -4.60 -5.40 -16.66
C LEU A 72 -5.22 -6.28 -17.75
N GLU A 73 -5.50 -5.71 -18.92
CA GLU A 73 -6.08 -6.49 -20.01
C GLU A 73 -5.09 -7.53 -20.54
N TYR A 74 -3.81 -7.15 -20.58
CA TYR A 74 -2.73 -8.07 -20.95
C TYR A 74 -2.66 -9.26 -19.98
N ALA A 75 -2.97 -9.01 -18.71
CA ALA A 75 -2.95 -10.03 -17.66
C ALA A 75 -4.30 -10.72 -17.43
N ASN A 76 -5.18 -10.67 -18.43
CA ASN A 76 -6.51 -11.31 -18.35
C ASN A 76 -7.39 -10.71 -17.26
N SER A 77 -7.32 -9.38 -17.13
CA SER A 77 -8.11 -8.63 -16.17
C SER A 77 -8.66 -7.38 -16.87
N GLY A 78 -8.95 -6.34 -16.12
CA GLY A 78 -9.43 -5.09 -16.71
C GLY A 78 -9.73 -4.07 -15.62
N LEU A 79 -10.00 -2.83 -16.03
CA LEU A 79 -10.30 -1.76 -15.08
C LEU A 79 -11.48 -2.10 -14.17
N ASP A 80 -12.50 -2.74 -14.73
CA ASP A 80 -13.69 -3.14 -13.97
C ASP A 80 -13.46 -4.31 -13.01
N TYR A 81 -12.26 -4.89 -13.03
CA TYR A 81 -11.90 -5.96 -12.10
C TYR A 81 -10.94 -5.50 -10.98
N ILE A 82 -10.59 -4.22 -10.98
CA ILE A 82 -9.76 -3.67 -9.92
C ILE A 82 -10.54 -3.67 -8.60
N VAL A 83 -9.90 -4.21 -7.56
CA VAL A 83 -10.45 -4.28 -6.21
CA VAL A 83 -10.50 -4.25 -6.24
C VAL A 83 -10.02 -3.07 -5.40
N SER A 84 -8.75 -2.70 -5.51
CA SER A 84 -8.15 -1.65 -4.72
C SER A 84 -7.00 -0.98 -5.45
N LEU A 85 -6.79 0.30 -5.18
CA LEU A 85 -5.62 1.03 -5.66
C LEU A 85 -5.31 2.18 -4.72
N ASN A 86 -4.08 2.69 -4.79
CA ASN A 86 -3.65 3.85 -4.01
C ASN A 86 -3.19 4.94 -4.95
N ILE A 87 -3.43 6.19 -4.58
CA ILE A 87 -2.98 7.33 -5.37
C ILE A 87 -2.00 8.16 -4.54
N PHE A 88 -0.84 8.46 -5.13
CA PHE A 88 0.06 9.47 -4.60
C PHE A 88 0.03 10.66 -5.56
N LEU A 89 -0.41 11.81 -5.06
CA LEU A 89 -0.34 13.05 -5.82
C LEU A 89 0.88 13.83 -5.33
N SER A 90 1.54 14.54 -6.24
CA SER A 90 2.71 15.33 -5.86
C SER A 90 2.33 16.38 -4.82
N THR A 91 3.22 16.58 -3.85
CA THR A 91 3.05 17.66 -2.88
C THR A 91 2.98 19.02 -3.57
N SER A 92 3.55 19.12 -4.78
CA SER A 92 3.55 20.36 -5.55
C SER A 92 2.20 20.75 -6.18
N LEU A 93 1.25 19.82 -6.22
CA LEU A 93 -0.03 20.07 -6.91
C LEU A 93 -0.86 21.16 -6.21
N SER A 94 -1.52 21.99 -7.02
CA SER A 94 -2.48 22.96 -6.51
C SER A 94 -3.80 22.27 -6.18
N ASP A 95 -4.71 23.00 -5.55
CA ASP A 95 -6.06 22.51 -5.28
C ASP A 95 -6.78 22.17 -6.59
N SER A 96 -6.59 23.01 -7.61
CA SER A 96 -7.21 22.79 -8.92
C SER A 96 -6.68 21.52 -9.58
N GLU A 97 -5.38 21.28 -9.48
CA GLU A 97 -4.77 20.09 -10.07
C GLU A 97 -5.28 18.81 -9.39
N GLU A 98 -5.39 18.83 -8.06
CA GLU A 98 -5.96 17.69 -7.34
C GLU A 98 -7.42 17.47 -7.73
N ALA A 99 -8.19 18.55 -7.84
CA ALA A 99 -9.59 18.46 -8.24
C ALA A 99 -9.72 17.92 -9.66
N ARG A 100 -8.84 18.37 -10.55
CA ARG A 100 -8.86 17.89 -11.93
C ARG A 100 -8.55 16.40 -12.00
N PHE A 101 -7.61 15.94 -11.17
CA PHE A 101 -7.32 14.53 -11.09
C PHE A 101 -8.58 13.72 -10.79
N ASN A 102 -9.35 14.15 -9.80
CA ASN A 102 -10.56 13.43 -9.41
C ASN A 102 -11.65 13.47 -10.48
N GLU A 103 -11.75 14.58 -11.20
CA GLU A 103 -12.67 14.67 -12.34
C GLU A 103 -12.31 13.62 -13.39
N LEU A 104 -11.01 13.53 -13.71
CA LEU A 104 -10.52 12.54 -14.68
C LEU A 104 -10.68 11.11 -14.15
N TYR A 105 -10.43 10.92 -12.85
CA TYR A 105 -10.60 9.63 -12.21
C TYR A 105 -12.02 9.10 -12.40
N ARG A 106 -13.01 9.98 -12.24
CA ARG A 106 -14.40 9.60 -12.40
C ARG A 106 -14.78 9.29 -13.85
N GLU A 107 -13.98 9.76 -14.81
CA GLU A 107 -14.17 9.38 -16.22
C GLU A 107 -13.62 7.98 -16.51
N VAL A 108 -12.67 7.53 -15.70
CA VAL A 108 -12.11 6.18 -15.83
C VAL A 108 -13.02 5.18 -15.13
N PHE A 109 -13.43 5.51 -13.91
CA PHE A 109 -14.36 4.71 -13.13
C PHE A 109 -15.69 5.46 -13.08
N CYS A 110 -16.54 5.22 -14.09
CA CYS A 110 -17.72 6.04 -14.33
CA CYS A 110 -17.74 6.01 -14.35
C CYS A 110 -18.99 5.57 -13.61
N VAL A 111 -18.92 4.43 -12.93
CA VAL A 111 -20.08 3.94 -12.17
C VAL A 111 -19.82 4.14 -10.69
N PRO A 112 -20.47 5.15 -10.07
CA PRO A 112 -20.21 5.43 -8.66
C PRO A 112 -20.33 4.20 -7.75
N ALA A 113 -21.34 3.37 -7.99
CA ALA A 113 -21.60 2.21 -7.14
C ALA A 113 -20.47 1.17 -7.11
N THR A 114 -19.72 1.05 -8.20
CA THR A 114 -18.70 0.01 -8.33
C THR A 114 -17.26 0.54 -8.39
N ARG A 115 -17.03 1.77 -7.92
CA ARG A 115 -15.67 2.31 -7.89
C ARG A 115 -14.82 1.49 -6.93
N PRO A 116 -13.56 1.23 -7.28
CA PRO A 116 -12.72 0.39 -6.43
C PRO A 116 -12.32 1.06 -5.13
N CYS A 117 -11.86 0.26 -4.17
CA CYS A 117 -11.30 0.80 -2.95
C CYS A 117 -10.15 1.73 -3.31
N ARG A 118 -10.10 2.87 -2.62
CA ARG A 118 -9.14 3.91 -2.95
C ARG A 118 -8.67 4.64 -1.71
N CYS A 119 -7.42 5.09 -1.76
CA CYS A 119 -6.95 6.14 -0.87
C CYS A 119 -6.11 7.10 -1.70
N CYS A 120 -5.91 8.31 -1.19
CA CYS A 120 -5.19 9.34 -1.92
C CYS A 120 -4.52 10.29 -0.92
N VAL A 121 -3.20 10.38 -1.01
CA VAL A 121 -2.44 11.30 -0.18
C VAL A 121 -1.36 11.98 -1.01
N ARG A 122 -0.82 13.07 -0.47
CA ARG A 122 0.26 13.80 -1.12
CA ARG A 122 0.26 13.79 -1.14
C ARG A 122 1.61 13.22 -0.69
N ALA A 123 2.55 13.16 -1.62
CA ALA A 123 3.89 12.66 -1.33
C ALA A 123 4.90 13.26 -2.29
N GLN A 124 6.17 13.23 -1.90
CA GLN A 124 7.25 13.69 -2.77
C GLN A 124 7.60 12.57 -3.75
N LEU A 125 7.18 12.75 -5.00
CA LEU A 125 7.40 11.76 -6.05
C LEU A 125 8.72 12.01 -6.76
N GLN A 126 9.15 11.04 -7.57
CA GLN A 126 10.37 11.17 -8.35
C GLN A 126 10.24 12.32 -9.36
N GLU A 127 11.39 12.80 -9.85
CA GLU A 127 11.46 14.02 -10.65
C GLU A 127 10.43 14.07 -11.79
N GLY A 128 9.67 15.18 -11.84
CA GLY A 128 8.72 15.42 -12.91
C GLY A 128 7.34 14.81 -12.74
N LEU A 129 7.23 13.82 -11.85
CA LEU A 129 5.97 13.10 -11.67
C LEU A 129 4.97 13.91 -10.85
N LEU A 130 3.76 14.09 -11.39
CA LEU A 130 2.70 14.81 -10.70
C LEU A 130 1.69 13.87 -10.03
N VAL A 131 1.64 12.63 -10.52
CA VAL A 131 0.73 11.63 -10.00
C VAL A 131 1.37 10.25 -10.17
N GLU A 132 1.08 9.35 -9.23
CA GLU A 132 1.49 7.97 -9.33
C GLU A 132 0.42 7.10 -8.70
N VAL A 133 0.05 6.02 -9.40
CA VAL A 133 -0.96 5.09 -8.91
C VAL A 133 -0.26 3.77 -8.58
N VAL A 134 -0.42 3.32 -7.34
CA VAL A 134 0.31 2.16 -6.84
C VAL A 134 -0.63 1.18 -6.16
N ASN A 135 -0.11 -0.01 -5.88
CA ASN A 135 -0.88 -1.06 -5.21
C ASN A 135 -2.21 -1.37 -5.89
N VAL A 136 -2.21 -1.36 -7.22
CA VAL A 136 -3.38 -1.81 -7.96
C VAL A 136 -3.49 -3.32 -7.80
N VAL A 137 -4.62 -3.75 -7.27
CA VAL A 137 -4.93 -5.16 -7.07
C VAL A 137 -6.24 -5.45 -7.81
N ALA A 138 -6.23 -6.47 -8.67
CA ALA A 138 -7.38 -6.79 -9.50
C ALA A 138 -7.58 -8.30 -9.60
N ALA A 139 -8.82 -8.71 -9.83
CA ALA A 139 -9.15 -10.10 -10.08
C ALA A 139 -8.99 -10.41 -11.56
N GLN A 140 -8.61 -11.65 -11.88
CA GLN A 140 -8.60 -12.10 -13.27
C GLN A 140 -10.00 -12.49 -13.71
N LYS A 141 -10.22 -12.49 -15.02
CA LYS A 141 -11.50 -12.91 -15.60
C LYS A 141 -11.63 -14.43 -15.60
N THR B 14 -17.40 -9.54 -12.16
CA THR B 14 -16.53 -8.53 -11.51
C THR B 14 -16.65 -8.61 -9.99
N PRO B 15 -15.64 -8.09 -9.25
CA PRO B 15 -15.65 -8.12 -7.79
C PRO B 15 -16.86 -7.43 -7.16
N THR B 16 -17.28 -7.93 -6.00
CA THR B 16 -18.45 -7.40 -5.31
C THR B 16 -18.07 -6.18 -4.48
N PHE B 17 -18.72 -5.06 -4.75
CA PHE B 17 -18.52 -3.84 -3.97
C PHE B 17 -19.73 -3.61 -3.07
N LEU B 18 -19.46 -3.37 -1.80
CA LEU B 18 -20.50 -3.19 -0.80
C LEU B 18 -20.42 -1.82 -0.18
N VAL B 19 -21.55 -1.38 0.39
CA VAL B 19 -21.61 -0.17 1.17
C VAL B 19 -22.35 -0.47 2.48
N CYS B 20 -21.64 -0.33 3.60
CA CYS B 20 -22.28 -0.39 4.89
C CYS B 20 -23.01 0.93 5.12
N PRO B 21 -24.35 0.89 5.26
CA PRO B 21 -25.10 2.14 5.36
C PRO B 21 -24.88 2.95 6.64
N ASP B 22 -24.21 2.37 7.63
CA ASP B 22 -23.91 3.05 8.89
CA ASP B 22 -23.92 3.06 8.89
C ASP B 22 -22.53 3.73 8.85
N VAL B 23 -21.88 3.69 7.70
CA VAL B 23 -20.56 4.31 7.53
C VAL B 23 -20.58 5.21 6.30
N VAL B 24 -19.93 6.37 6.41
CA VAL B 24 -19.86 7.34 5.31
C VAL B 24 -19.24 6.71 4.06
N LYS B 25 -19.79 7.07 2.90
CA LYS B 25 -19.20 6.68 1.61
C LYS B 25 -18.79 7.92 0.86
N PHE B 26 -17.56 7.92 0.36
CA PHE B 26 -17.03 9.06 -0.38
C PHE B 26 -17.23 8.85 -1.88
N GLU B 27 -17.52 9.94 -2.58
CA GLU B 27 -17.86 9.89 -4.01
C GLU B 27 -16.88 9.08 -4.86
N ASN B 28 -15.59 9.29 -4.64
CA ASN B 28 -14.56 8.69 -5.48
C ASN B 28 -14.06 7.34 -4.99
N VAL B 29 -14.61 6.84 -3.89
CA VAL B 29 -13.97 5.80 -3.10
C VAL B 29 -14.87 4.60 -2.84
N GLY B 30 -14.47 3.44 -3.34
CA GLY B 30 -15.11 2.19 -2.96
C GLY B 30 -14.92 1.96 -1.48
N GLN B 31 -16.01 1.70 -0.77
CA GLN B 31 -15.96 1.57 0.67
C GLN B 31 -15.47 0.17 1.07
N ILE B 32 -16.05 -0.84 0.43
CA ILE B 32 -15.78 -2.24 0.71
C ILE B 32 -15.75 -3.03 -0.59
N ALA B 33 -14.77 -3.92 -0.73
CA ALA B 33 -14.76 -4.88 -1.83
C ALA B 33 -14.52 -6.27 -1.27
N VAL B 34 -15.27 -7.25 -1.79
CA VAL B 34 -15.12 -8.64 -1.40
C VAL B 34 -14.68 -9.45 -2.61
N VAL B 35 -13.62 -10.23 -2.45
CA VAL B 35 -13.11 -11.06 -3.53
C VAL B 35 -12.46 -12.32 -2.96
N ASN B 36 -12.98 -13.49 -3.37
CA ASN B 36 -12.43 -14.79 -2.99
C ASN B 36 -12.24 -14.95 -1.48
N GLY B 37 -13.25 -14.56 -0.70
CA GLY B 37 -13.21 -14.70 0.75
C GLY B 37 -12.32 -13.71 1.47
N MET B 38 -11.88 -12.66 0.78
CA MET B 38 -11.09 -11.59 1.37
C MET B 38 -11.83 -10.28 1.24
N VAL B 39 -11.63 -9.40 2.22
CA VAL B 39 -12.27 -8.09 2.22
C VAL B 39 -11.21 -6.99 2.13
N TYR B 40 -11.41 -6.05 1.20
CA TYR B 40 -10.58 -4.87 1.08
C TYR B 40 -11.43 -3.65 1.40
N LEU B 41 -10.82 -2.65 2.05
CA LEU B 41 -11.52 -1.40 2.36
C LEU B 41 -10.88 -0.21 1.67
N GLY B 42 -11.70 0.74 1.26
CA GLY B 42 -11.22 2.06 0.86
C GLY B 42 -10.73 2.79 2.09
N GLY B 43 -10.04 3.91 1.88
CA GLY B 43 -9.47 4.68 2.98
C GLY B 43 -10.51 5.07 4.01
N SER B 44 -10.15 4.96 5.29
CA SER B 44 -11.04 5.30 6.39
CA SER B 44 -11.04 5.30 6.38
C SER B 44 -10.48 6.47 7.18
N VAL B 45 -11.34 7.40 7.54
CA VAL B 45 -10.96 8.59 8.28
C VAL B 45 -12.01 8.87 9.37
N GLY B 46 -11.73 9.87 10.21
CA GLY B 46 -12.56 10.14 11.37
C GLY B 46 -13.82 10.94 11.07
N ILE B 47 -14.58 10.50 10.07
CA ILE B 47 -15.81 11.15 9.65
C ILE B 47 -16.98 10.22 9.95
N ASP B 48 -18.01 10.75 10.59
CA ASP B 48 -19.17 9.93 10.98
C ASP B 48 -20.15 9.74 9.82
N LYS B 49 -21.21 8.98 10.05
CA LYS B 49 -22.18 8.63 9.01
C LYS B 49 -22.80 9.84 8.30
N SER B 50 -22.96 10.94 9.04
CA SER B 50 -23.55 12.17 8.49
C SER B 50 -22.56 13.00 7.67
N GLY B 51 -21.28 12.64 7.70
CA GLY B 51 -20.25 13.36 6.96
C GLY B 51 -19.50 14.38 7.80
N THR B 52 -19.68 14.34 9.12
CA THR B 52 -19.02 15.29 10.01
C THR B 52 -17.65 14.78 10.46
N LEU B 53 -16.61 15.56 10.18
CA LEU B 53 -15.26 15.25 10.63
C LEU B 53 -15.12 15.62 12.10
N HIS B 54 -14.76 14.65 12.93
CA HIS B 54 -14.62 14.89 14.37
C HIS B 54 -13.40 15.74 14.68
N LYS B 55 -13.48 16.48 15.79
CA LYS B 55 -12.41 17.36 16.23
C LYS B 55 -11.45 16.59 17.14
N GLY B 56 -10.16 16.70 16.85
CA GLY B 56 -9.13 16.13 17.72
C GLY B 56 -8.70 14.74 17.30
N LEU B 57 -7.47 14.40 17.68
CA LEU B 57 -6.85 13.14 17.29
C LEU B 57 -7.60 11.92 17.82
N GLU B 58 -7.96 11.95 19.10
CA GLU B 58 -8.62 10.79 19.73
C GLU B 58 -9.96 10.47 19.06
N GLU B 59 -10.81 11.47 18.90
CA GLU B 59 -12.13 11.25 18.30
C GLU B 59 -12.03 10.81 16.84
N GLN B 60 -11.08 11.39 16.10
CA GLN B 60 -10.84 10.95 14.72
C GLN B 60 -10.34 9.51 14.66
N THR B 61 -9.44 9.15 15.59
CA THR B 61 -8.91 7.80 15.67
C THR B 61 -10.00 6.79 16.00
N ARG B 62 -10.78 7.07 17.05
CA ARG B 62 -11.85 6.17 17.45
C ARG B 62 -12.90 6.01 16.35
N GLN B 63 -13.24 7.12 15.69
CA GLN B 63 -14.22 7.08 14.59
C GLN B 63 -13.69 6.28 13.40
N THR B 64 -12.40 6.44 13.10
CA THR B 64 -11.78 5.72 11.99
C THR B 64 -11.88 4.21 12.19
N PHE B 65 -11.52 3.73 13.37
CA PHE B 65 -11.57 2.30 13.65
C PHE B 65 -12.99 1.77 13.85
N ASP B 66 -13.90 2.65 14.29
CA ASP B 66 -15.32 2.30 14.34
C ASP B 66 -15.86 2.09 12.92
N ASN B 67 -15.47 2.97 12.00
CA ASN B 67 -15.84 2.82 10.59
C ASN B 67 -15.32 1.51 10.02
N ILE B 68 -14.06 1.21 10.30
CA ILE B 68 -13.44 -0.04 9.85
C ILE B 68 -14.16 -1.26 10.42
N ARG B 69 -14.43 -1.23 11.73
CA ARG B 69 -15.14 -2.33 12.38
C ARG B 69 -16.50 -2.59 11.72
N LYS B 70 -17.27 -1.52 11.53
CA LYS B 70 -18.61 -1.64 10.94
C LYS B 70 -18.56 -2.18 9.52
N CYS B 71 -17.63 -1.68 8.71
CA CYS B 71 -17.48 -2.15 7.33
C CYS B 71 -17.12 -3.63 7.28
N LEU B 72 -16.17 -4.04 8.11
CA LEU B 72 -15.73 -5.43 8.12
C LEU B 72 -16.84 -6.38 8.60
N GLU B 73 -17.54 -6.00 9.66
CA GLU B 73 -18.66 -6.81 10.14
C GLU B 73 -19.78 -6.91 9.11
N TYR B 74 -20.01 -5.82 8.39
CA TYR B 74 -21.01 -5.80 7.31
C TYR B 74 -20.65 -6.79 6.20
N ALA B 75 -19.35 -6.98 5.96
CA ALA B 75 -18.85 -7.87 4.92
C ALA B 75 -18.45 -9.26 5.45
N ASN B 76 -19.14 -9.72 6.50
CA ASN B 76 -18.89 -11.03 7.10
C ASN B 76 -17.44 -11.22 7.57
N SER B 77 -16.89 -10.17 8.16
CA SER B 77 -15.54 -10.17 8.70
C SER B 77 -15.56 -9.48 10.06
N GLY B 78 -14.43 -8.91 10.47
CA GLY B 78 -14.36 -8.16 11.73
C GLY B 78 -12.94 -7.71 12.01
N LEU B 79 -12.78 -6.87 13.04
CA LEU B 79 -11.45 -6.38 13.44
C LEU B 79 -10.48 -7.52 13.71
N ASP B 80 -10.99 -8.60 14.29
CA ASP B 80 -10.16 -9.77 14.62
C ASP B 80 -9.78 -10.63 13.40
N TYR B 81 -10.22 -10.23 12.21
CA TYR B 81 -9.87 -10.93 10.98
C TYR B 81 -8.97 -10.10 10.06
N ILE B 82 -8.53 -8.93 10.52
CA ILE B 82 -7.64 -8.08 9.72
C ILE B 82 -6.26 -8.71 9.59
N VAL B 83 -5.78 -8.77 8.35
CA VAL B 83 -4.47 -9.32 8.03
C VAL B 83 -3.41 -8.22 8.04
N SER B 84 -3.73 -7.10 7.40
CA SER B 84 -2.80 -6.00 7.22
C SER B 84 -3.55 -4.68 7.13
N LEU B 85 -2.88 -3.60 7.54
CA LEU B 85 -3.38 -2.24 7.33
C LEU B 85 -2.22 -1.26 7.31
N ASN B 86 -2.44 -0.08 6.76
CA ASN B 86 -1.44 1.00 6.75
C ASN B 86 -2.00 2.20 7.47
N ILE B 87 -1.15 2.92 8.18
CA ILE B 87 -1.56 4.15 8.85
C ILE B 87 -0.80 5.34 8.25
N PHE B 88 -1.55 6.38 7.89
CA PHE B 88 -0.97 7.68 7.57
C PHE B 88 -1.37 8.65 8.68
N LEU B 89 -0.38 9.19 9.39
CA LEU B 89 -0.63 10.24 10.36
C LEU B 89 -0.23 11.57 9.72
N SER B 90 -0.95 12.63 10.08
CA SER B 90 -0.64 13.96 9.55
C SER B 90 0.76 14.38 9.95
N THR B 91 1.46 15.04 9.02
CA THR B 91 2.79 15.58 9.29
C THR B 91 2.76 16.63 10.41
N SER B 92 1.60 17.24 10.62
CA SER B 92 1.41 18.24 11.68
C SER B 92 1.43 17.66 13.11
N LEU B 93 1.28 16.35 13.24
CA LEU B 93 1.23 15.72 14.57
C LEU B 93 2.60 15.74 15.26
N SER B 94 2.57 16.01 16.56
CA SER B 94 3.78 15.99 17.39
C SER B 94 4.10 14.55 17.82
N ASP B 95 5.24 14.39 18.49
CA ASP B 95 5.66 13.08 19.00
C ASP B 95 4.71 12.55 20.08
N SER B 96 4.23 13.44 20.94
CA SER B 96 3.28 13.08 22.00
C SER B 96 1.93 12.64 21.43
N GLU B 97 1.51 13.30 20.34
CA GLU B 97 0.26 12.96 19.67
C GLU B 97 0.36 11.61 18.95
N GLU B 98 1.51 11.34 18.33
CA GLU B 98 1.75 10.04 17.71
C GLU B 98 1.76 8.94 18.77
N ALA B 99 2.34 9.22 19.93
CA ALA B 99 2.33 8.29 21.05
C ALA B 99 0.90 8.03 21.52
N ARG B 100 0.08 9.08 21.58
CA ARG B 100 -1.32 8.95 21.97
C ARG B 100 -2.10 8.09 20.97
N PHE B 101 -1.84 8.29 19.68
CA PHE B 101 -2.47 7.45 18.65
C PHE B 101 -2.18 5.97 18.91
N ASN B 102 -0.93 5.65 19.19
CA ASN B 102 -0.52 4.26 19.41
C ASN B 102 -1.10 3.66 20.68
N GLU B 103 -1.32 4.48 21.71
CA GLU B 103 -2.03 4.04 22.90
CA GLU B 103 -2.02 4.02 22.90
C GLU B 103 -3.45 3.62 22.53
N LEU B 104 -4.13 4.47 21.77
CA LEU B 104 -5.48 4.20 21.29
C LEU B 104 -5.51 2.97 20.39
N TYR B 105 -4.49 2.83 19.55
CA TYR B 105 -4.36 1.67 18.68
C TYR B 105 -4.30 0.38 19.49
N ARG B 106 -3.54 0.39 20.58
CA ARG B 106 -3.42 -0.78 21.47
C ARG B 106 -4.71 -1.05 22.26
N GLU B 107 -5.57 -0.03 22.44
CA GLU B 107 -6.90 -0.25 23.02
C GLU B 107 -7.81 -1.01 22.05
N VAL B 108 -7.75 -0.63 20.77
CA VAL B 108 -8.55 -1.29 19.74
C VAL B 108 -8.04 -2.70 19.46
N PHE B 109 -6.74 -2.82 19.28
CA PHE B 109 -6.09 -4.11 19.05
C PHE B 109 -5.39 -4.55 20.33
N CYS B 110 -6.20 -5.02 21.28
CA CYS B 110 -5.76 -5.26 22.65
C CYS B 110 -5.20 -6.66 22.91
N VAL B 111 -5.19 -7.51 21.87
CA VAL B 111 -4.55 -8.82 21.96
C VAL B 111 -3.22 -8.72 21.20
N PRO B 112 -2.09 -8.59 21.93
CA PRO B 112 -0.80 -8.36 21.29
C PRO B 112 -0.45 -9.34 20.15
N ALA B 113 -0.68 -10.63 20.37
CA ALA B 113 -0.23 -11.67 19.43
C ALA B 113 -0.95 -11.65 18.08
N THR B 114 -2.16 -11.09 18.04
CA THR B 114 -2.97 -11.10 16.81
C THR B 114 -3.09 -9.72 16.16
N ARG B 115 -2.23 -8.77 16.56
CA ARG B 115 -2.23 -7.45 15.93
C ARG B 115 -1.88 -7.60 14.45
N PRO B 116 -2.62 -6.88 13.58
CA PRO B 116 -2.38 -7.08 12.15
C PRO B 116 -1.02 -6.56 11.71
N CYS B 117 -0.58 -7.02 10.54
CA CYS B 117 0.58 -6.41 9.89
C CYS B 117 0.30 -4.93 9.76
N ARG B 118 1.30 -4.12 10.06
CA ARG B 118 1.13 -2.68 10.12
C ARG B 118 2.34 -1.94 9.59
N CYS B 119 2.10 -0.77 9.00
CA CYS B 119 3.14 0.23 8.85
C CYS B 119 2.51 1.58 9.18
N CYS B 120 3.35 2.57 9.49
CA CYS B 120 2.89 3.89 9.89
C CYS B 120 3.91 4.94 9.50
N VAL B 121 3.49 5.87 8.63
CA VAL B 121 4.35 6.97 8.21
C VAL B 121 3.56 8.27 8.21
N ARG B 122 4.27 9.39 8.22
CA ARG B 122 3.63 10.70 8.13
C ARG B 122 3.37 11.03 6.66
N ALA B 123 2.28 11.75 6.42
CA ALA B 123 1.94 12.20 5.07
C ALA B 123 1.04 13.43 5.14
N GLN B 124 1.03 14.20 4.06
CA GLN B 124 0.13 15.35 3.96
C GLN B 124 -1.25 14.84 3.52
N LEU B 125 -2.19 14.84 4.46
CA LEU B 125 -3.53 14.34 4.22
C LEU B 125 -4.45 15.45 3.76
N GLN B 126 -5.64 15.09 3.30
CA GLN B 126 -6.64 16.06 2.86
C GLN B 126 -7.12 16.93 4.04
N GLU B 127 -7.75 18.06 3.71
CA GLU B 127 -8.06 19.10 4.70
C GLU B 127 -8.70 18.57 5.98
N GLY B 128 -8.10 18.91 7.12
CA GLY B 128 -8.67 18.59 8.44
C GLY B 128 -8.29 17.24 9.02
N LEU B 129 -7.80 16.32 8.18
CA LEU B 129 -7.51 14.95 8.61
C LEU B 129 -6.22 14.86 9.40
N LEU B 130 -6.28 14.23 10.58
CA LEU B 130 -5.11 13.99 11.42
C LEU B 130 -4.60 12.55 11.29
N VAL B 131 -5.48 11.65 10.89
CA VAL B 131 -5.14 10.24 10.74
C VAL B 131 -5.97 9.64 9.60
N GLU B 132 -5.39 8.66 8.91
CA GLU B 132 -6.08 7.91 7.88
C GLU B 132 -5.55 6.48 7.87
N VAL B 133 -6.47 5.52 7.80
CA VAL B 133 -6.09 4.11 7.76
C VAL B 133 -6.49 3.54 6.41
N VAL B 134 -5.52 3.00 5.70
CA VAL B 134 -5.71 2.56 4.32
C VAL B 134 -5.19 1.14 4.14
N ASN B 135 -5.52 0.56 2.99
CA ASN B 135 -5.09 -0.79 2.63
C ASN B 135 -5.44 -1.84 3.69
N VAL B 136 -6.61 -1.70 4.31
CA VAL B 136 -7.10 -2.72 5.22
C VAL B 136 -7.48 -3.95 4.39
N VAL B 137 -6.86 -5.08 4.71
CA VAL B 137 -7.16 -6.36 4.10
C VAL B 137 -7.52 -7.33 5.21
N ALA B 138 -8.64 -8.02 5.06
CA ALA B 138 -9.14 -8.93 6.10
C ALA B 138 -9.72 -10.20 5.50
N ALA B 139 -9.69 -11.28 6.27
CA ALA B 139 -10.31 -12.54 5.85
C ALA B 139 -11.78 -12.54 6.26
N GLN B 140 -12.61 -13.23 5.49
CA GLN B 140 -14.01 -13.43 5.86
C GLN B 140 -14.14 -14.59 6.84
N LYS B 141 -15.21 -14.55 7.63
CA LYS B 141 -15.50 -15.60 8.61
C LYS B 141 -15.86 -16.92 7.92
N THR C 14 -9.54 -17.67 11.38
CA THR C 14 -8.87 -16.42 11.84
C THR C 14 -7.41 -16.43 11.40
N PRO C 15 -6.91 -15.28 10.88
CA PRO C 15 -5.56 -15.28 10.28
C PRO C 15 -4.45 -15.75 11.22
N THR C 16 -3.51 -16.52 10.67
CA THR C 16 -2.38 -17.02 11.44
C THR C 16 -1.25 -16.00 11.44
N PHE C 17 -0.86 -15.54 12.63
CA PHE C 17 0.26 -14.63 12.77
C PHE C 17 1.48 -15.36 13.31
N LEU C 18 2.62 -15.09 12.69
CA LEU C 18 3.89 -15.72 13.05
C LEU C 18 4.90 -14.66 13.45
N VAL C 19 5.89 -15.08 14.25
CA VAL C 19 7.04 -14.25 14.56
C VAL C 19 8.30 -15.08 14.36
N CYS C 20 9.13 -14.68 13.41
CA CYS C 20 10.43 -15.30 13.20
C CYS C 20 11.35 -14.90 14.36
N PRO C 21 11.87 -15.89 15.11
CA PRO C 21 12.73 -15.57 16.26
C PRO C 21 14.00 -14.79 15.94
N ASP C 22 14.45 -14.85 14.69
CA ASP C 22 15.68 -14.19 14.27
C ASP C 22 15.47 -12.78 13.71
N VAL C 23 14.25 -12.27 13.76
CA VAL C 23 13.93 -10.93 13.26
C VAL C 23 13.21 -10.12 14.32
N VAL C 24 13.59 -8.85 14.46
CA VAL C 24 12.97 -7.95 15.44
C VAL C 24 11.45 -7.92 15.30
N LYS C 25 10.78 -7.86 16.45
CA LYS C 25 9.33 -7.81 16.51
C LYS C 25 8.93 -6.51 17.22
N PHE C 26 8.08 -5.71 16.58
CA PHE C 26 7.64 -4.44 17.16
C PHE C 26 6.30 -4.61 17.85
N GLU C 27 6.15 -3.94 19.00
CA GLU C 27 4.97 -4.09 19.86
C GLU C 27 3.64 -3.91 19.13
N ASN C 28 3.56 -2.89 18.28
CA ASN C 28 2.30 -2.53 17.62
C ASN C 28 2.07 -3.23 16.29
N VAL C 29 3.02 -4.06 15.86
CA VAL C 29 3.11 -4.48 14.47
C VAL C 29 3.15 -6.00 14.34
N GLY C 30 2.13 -6.57 13.68
CA GLY C 30 2.19 -7.98 13.29
C GLY C 30 3.34 -8.17 12.32
N GLN C 31 4.17 -9.16 12.59
CA GLN C 31 5.38 -9.35 11.80
C GLN C 31 5.09 -10.10 10.50
N ILE C 32 4.36 -11.21 10.63
CA ILE C 32 4.07 -12.11 9.53
C ILE C 32 2.63 -12.61 9.67
N ALA C 33 1.86 -12.58 8.58
CA ALA C 33 0.54 -13.19 8.54
C ALA C 33 0.48 -14.16 7.37
N VAL C 34 -0.05 -15.35 7.62
CA VAL C 34 -0.24 -16.35 6.56
C VAL C 34 -1.74 -16.57 6.38
N VAL C 35 -2.21 -16.40 5.14
CA VAL C 35 -3.63 -16.55 4.82
C VAL C 35 -3.80 -17.13 3.42
N ASN C 36 -4.40 -18.33 3.37
CA ASN C 36 -4.71 -19.01 2.11
CA ASN C 36 -4.70 -19.02 2.12
C ASN C 36 -3.51 -19.06 1.15
N GLY C 37 -2.37 -19.53 1.65
CA GLY C 37 -1.17 -19.68 0.83
C GLY C 37 -0.46 -18.39 0.43
N MET C 38 -0.84 -17.27 1.06
CA MET C 38 -0.16 -15.99 0.85
C MET C 38 0.44 -15.52 2.17
N VAL C 39 1.56 -14.82 2.09
CA VAL C 39 2.25 -14.28 3.25
C VAL C 39 2.28 -12.76 3.16
N TYR C 40 1.85 -12.10 4.24
CA TYR C 40 1.90 -10.65 4.36
C TYR C 40 2.88 -10.29 5.47
N LEU C 41 3.62 -9.21 5.31
CA LEU C 41 4.55 -8.75 6.33
C LEU C 41 4.18 -7.37 6.87
N GLY C 42 4.42 -7.17 8.16
CA GLY C 42 4.42 -5.83 8.73
C GLY C 42 5.62 -5.07 8.21
N GLY C 43 5.64 -3.76 8.44
CA GLY C 43 6.73 -2.91 7.97
C GLY C 43 8.09 -3.39 8.43
N SER C 44 9.07 -3.32 7.54
CA SER C 44 10.44 -3.74 7.84
C SER C 44 11.39 -2.57 7.73
N VAL C 45 12.33 -2.50 8.67
CA VAL C 45 13.32 -1.44 8.73
C VAL C 45 14.67 -2.05 9.10
N GLY C 46 15.71 -1.22 9.07
CA GLY C 46 17.08 -1.68 9.24
C GLY C 46 17.52 -1.90 10.67
N ILE C 47 16.70 -2.63 11.43
CA ILE C 47 16.98 -2.94 12.82
C ILE C 47 17.23 -4.44 12.93
N ASP C 48 18.31 -4.80 13.63
CA ASP C 48 18.69 -6.21 13.77
C ASP C 48 17.95 -6.89 14.92
N LYS C 49 18.20 -8.18 15.11
CA LYS C 49 17.50 -8.98 16.11
C LYS C 49 17.57 -8.40 17.53
N SER C 50 18.70 -7.79 17.86
CA SER C 50 18.92 -7.20 19.18
C SER C 50 18.23 -5.84 19.37
N GLY C 51 17.61 -5.30 18.31
CA GLY C 51 16.92 -4.02 18.39
C GLY C 51 17.80 -2.83 18.04
N THR C 52 18.98 -3.10 17.49
CA THR C 52 19.91 -2.04 17.10
C THR C 52 19.61 -1.55 15.69
N LEU C 53 19.33 -0.26 15.56
CA LEU C 53 19.14 0.38 14.27
C LEU C 53 20.52 0.67 13.66
N HIS C 54 20.79 0.06 12.51
CA HIS C 54 22.08 0.29 11.84
C HIS C 54 22.14 1.69 11.26
N LYS C 55 23.35 2.20 11.09
CA LYS C 55 23.57 3.58 10.67
C LYS C 55 23.82 3.64 9.16
N GLY C 56 23.15 4.58 8.50
CA GLY C 56 23.35 4.83 7.08
C GLY C 56 22.43 4.04 6.19
N LEU C 57 22.23 4.53 4.97
CA LEU C 57 21.31 3.91 4.02
CA LEU C 57 21.32 3.91 4.01
C LEU C 57 21.76 2.50 3.62
N GLU C 58 23.06 2.31 3.40
CA GLU C 58 23.57 1.02 2.96
C GLU C 58 23.24 -0.09 3.96
N GLU C 59 23.67 0.10 5.21
CA GLU C 59 23.46 -0.91 6.24
C GLU C 59 21.97 -1.10 6.57
N GLN C 60 21.21 -0.01 6.60
CA GLN C 60 19.77 -0.13 6.84
C GLN C 60 19.06 -0.89 5.72
N THR C 61 19.47 -0.66 4.48
CA THR C 61 18.88 -1.35 3.34
C THR C 61 19.15 -2.85 3.40
N ARG C 62 20.40 -3.22 3.62
CA ARG C 62 20.76 -4.64 3.66
C ARG C 62 20.05 -5.35 4.82
N GLN C 63 20.00 -4.69 5.98
CA GLN C 63 19.32 -5.27 7.15
C GLN C 63 17.81 -5.41 6.91
N THR C 64 17.20 -4.41 6.29
CA THR C 64 15.77 -4.45 5.99
C THR C 64 15.43 -5.67 5.13
N PHE C 65 16.19 -5.87 4.06
CA PHE C 65 15.90 -7.00 3.17
C PHE C 65 16.31 -8.36 3.76
N ASP C 66 17.31 -8.36 4.64
CA ASP C 66 17.62 -9.57 5.40
C ASP C 66 16.46 -9.94 6.32
N ASN C 67 15.86 -8.93 6.96
CA ASN C 67 14.68 -9.14 7.80
C ASN C 67 13.52 -9.73 7.00
N ILE C 68 13.26 -9.15 5.83
CA ILE C 68 12.20 -9.63 4.95
C ILE C 68 12.47 -11.07 4.52
N ARG C 69 13.72 -11.34 4.11
CA ARG C 69 14.10 -12.69 3.67
C ARG C 69 13.86 -13.73 4.77
N LYS C 70 14.33 -13.43 5.98
CA LYS C 70 14.19 -14.37 7.10
C LYS C 70 12.73 -14.59 7.48
N CYS C 71 11.93 -13.52 7.51
CA CYS C 71 10.50 -13.66 7.80
C CYS C 71 9.81 -14.54 6.77
N LEU C 72 10.07 -14.27 5.49
CA LEU C 72 9.45 -15.06 4.42
C LEU C 72 9.86 -16.54 4.47
N GLU C 73 11.14 -16.80 4.67
CA GLU C 73 11.62 -18.19 4.75
C GLU C 73 11.06 -18.93 5.95
N TYR C 74 10.83 -18.23 7.05
CA TYR C 74 10.21 -18.81 8.25
C TYR C 74 8.80 -19.33 7.97
N ALA C 75 8.10 -18.68 7.04
CA ALA C 75 6.76 -19.10 6.60
C ALA C 75 6.78 -19.97 5.34
N ASN C 76 7.95 -20.49 4.98
CA ASN C 76 8.16 -21.23 3.73
C ASN C 76 7.76 -20.44 2.47
N SER C 77 8.10 -19.17 2.47
CA SER C 77 8.09 -18.34 1.28
C SER C 77 9.54 -17.95 1.00
N GLY C 78 9.74 -16.86 0.26
CA GLY C 78 11.09 -16.38 -0.01
C GLY C 78 11.07 -15.12 -0.84
N LEU C 79 12.23 -14.47 -0.95
CA LEU C 79 12.35 -13.25 -1.74
C LEU C 79 11.87 -13.44 -3.18
N ASP C 80 12.17 -14.60 -3.75
CA ASP C 80 11.77 -14.93 -5.12
C ASP C 80 10.25 -15.07 -5.33
N TYR C 81 9.50 -15.26 -4.24
CA TYR C 81 8.04 -15.40 -4.33
C TYR C 81 7.28 -14.14 -3.90
N ILE C 82 7.99 -13.04 -3.68
CA ILE C 82 7.33 -11.75 -3.43
C ILE C 82 6.64 -11.29 -4.71
N VAL C 83 5.37 -10.90 -4.59
CA VAL C 83 4.59 -10.39 -5.72
CA VAL C 83 4.61 -10.39 -5.73
C VAL C 83 4.64 -8.86 -5.76
N SER C 84 4.61 -8.24 -4.59
CA SER C 84 4.56 -6.78 -4.50
C SER C 84 5.16 -6.27 -3.19
N LEU C 85 5.77 -5.08 -3.25
CA LEU C 85 6.23 -4.38 -2.05
C LEU C 85 6.23 -2.88 -2.32
N ASN C 86 6.27 -2.08 -1.25
CA ASN C 86 6.36 -0.63 -1.34
C ASN C 86 7.59 -0.16 -0.60
N ILE C 87 8.25 0.87 -1.12
CA ILE C 87 9.43 1.45 -0.47
C ILE C 87 9.13 2.90 -0.09
N PHE C 88 9.41 3.24 1.17
CA PHE C 88 9.45 4.62 1.61
C PHE C 88 10.91 4.97 1.92
N LEU C 89 11.45 5.95 1.20
CA LEU C 89 12.78 6.48 1.50
C LEU C 89 12.62 7.80 2.23
N SER C 90 13.54 8.09 3.15
CA SER C 90 13.48 9.35 3.88
C SER C 90 13.59 10.53 2.91
N THR C 91 12.84 11.59 3.20
CA THR C 91 12.91 12.84 2.43
CA THR C 91 12.92 12.81 2.41
C THR C 91 14.31 13.43 2.49
N SER C 92 15.04 13.11 3.55
CA SER C 92 16.41 13.63 3.75
C SER C 92 17.46 13.07 2.78
N LEU C 93 17.17 11.95 2.13
CA LEU C 93 18.14 11.29 1.26
C LEU C 93 18.43 12.11 0.00
N SER C 94 19.71 12.13 -0.41
CA SER C 94 20.12 12.78 -1.64
C SER C 94 19.76 11.90 -2.84
N ASP C 95 19.91 12.46 -4.04
CA ASP C 95 19.71 11.70 -5.27
C ASP C 95 20.70 10.54 -5.36
N SER C 96 21.95 10.78 -4.96
CA SER C 96 22.97 9.73 -4.99
C SER C 96 22.67 8.60 -4.00
N GLU C 97 22.10 8.95 -2.85
CA GLU C 97 21.68 7.95 -1.88
C GLU C 97 20.54 7.09 -2.42
N GLU C 98 19.58 7.72 -3.09
CA GLU C 98 18.48 6.99 -3.74
C GLU C 98 19.03 6.06 -4.83
N ALA C 99 20.00 6.56 -5.61
CA ALA C 99 20.67 5.73 -6.61
C ALA C 99 21.38 4.55 -5.97
N ARG C 100 22.04 4.78 -4.85
CA ARG C 100 22.73 3.72 -4.11
C ARG C 100 21.73 2.68 -3.58
N PHE C 101 20.60 3.15 -3.06
CA PHE C 101 19.54 2.24 -2.63
C PHE C 101 19.15 1.30 -3.77
N ASN C 102 18.94 1.85 -4.95
CA ASN C 102 18.51 1.03 -6.09
C ASN C 102 19.59 0.04 -6.55
N GLU C 103 20.86 0.40 -6.41
CA GLU C 103 21.95 -0.53 -6.70
CA GLU C 103 21.96 -0.53 -6.68
C GLU C 103 21.88 -1.71 -5.72
N LEU C 104 21.70 -1.41 -4.44
CA LEU C 104 21.58 -2.46 -3.42
C LEU C 104 20.33 -3.30 -3.63
N TYR C 105 19.24 -2.63 -4.05
CA TYR C 105 17.99 -3.32 -4.35
C TYR C 105 18.18 -4.36 -5.46
N ARG C 106 18.92 -3.98 -6.50
CA ARG C 106 19.22 -4.88 -7.61
C ARG C 106 20.15 -6.02 -7.22
N GLU C 107 20.90 -5.86 -6.13
CA GLU C 107 21.71 -6.96 -5.56
C GLU C 107 20.85 -7.95 -4.76
N VAL C 108 19.73 -7.48 -4.21
CA VAL C 108 18.78 -8.35 -3.54
C VAL C 108 17.91 -9.10 -4.56
N PHE C 109 17.38 -8.34 -5.52
CA PHE C 109 16.56 -8.90 -6.58
C PHE C 109 17.39 -8.88 -7.87
N CYS C 110 18.27 -9.88 -7.99
CA CYS C 110 19.29 -9.94 -9.05
CA CYS C 110 19.27 -9.87 -9.07
C CYS C 110 18.78 -10.47 -10.38
N VAL C 111 17.63 -11.14 -10.37
CA VAL C 111 17.05 -11.68 -11.58
C VAL C 111 16.06 -10.64 -12.12
N PRO C 112 16.46 -9.87 -13.15
CA PRO C 112 15.62 -8.74 -13.58
C PRO C 112 14.18 -9.10 -13.93
N ALA C 113 13.98 -10.21 -14.63
CA ALA C 113 12.65 -10.58 -15.13
C ALA C 113 11.63 -10.87 -14.03
N THR C 114 12.09 -11.31 -12.86
CA THR C 114 11.20 -11.72 -11.78
C THR C 114 11.14 -10.70 -10.62
N ARG C 115 11.60 -9.48 -10.87
CA ARG C 115 11.52 -8.44 -9.84
C ARG C 115 10.07 -8.15 -9.49
N PRO C 116 9.79 -8.00 -8.19
CA PRO C 116 8.40 -7.83 -7.78
C PRO C 116 7.82 -6.48 -8.18
N CYS C 117 6.50 -6.38 -8.19
CA CYS C 117 5.84 -5.09 -8.32
C CYS C 117 6.35 -4.21 -7.20
N ARG C 118 6.66 -2.96 -7.54
CA ARG C 118 7.11 -2.04 -6.52
CA ARG C 118 7.26 -2.03 -6.60
C ARG C 118 6.76 -0.60 -6.84
N CYS C 119 6.77 0.22 -5.81
CA CYS C 119 6.67 1.65 -5.92
C CYS C 119 7.63 2.22 -4.88
N CYS C 120 8.05 3.45 -5.10
CA CYS C 120 9.03 4.09 -4.22
C CYS C 120 8.78 5.59 -4.18
N VAL C 121 8.50 6.10 -3.00
CA VAL C 121 8.30 7.54 -2.79
C VAL C 121 9.03 7.97 -1.54
N ARG C 122 9.23 9.27 -1.39
CA ARG C 122 9.84 9.82 -0.18
C ARG C 122 8.77 10.06 0.87
N ALA C 123 9.16 9.92 2.13
CA ALA C 123 8.25 10.17 3.25
C ALA C 123 9.04 10.58 4.49
N GLN C 124 8.34 11.22 5.43
CA GLN C 124 8.89 11.51 6.74
C GLN C 124 8.74 10.25 7.59
N LEU C 125 9.87 9.57 7.82
CA LEU C 125 9.89 8.31 8.57
C LEU C 125 10.16 8.58 10.06
N GLN C 126 9.96 7.56 10.88
CA GLN C 126 10.22 7.67 12.32
C GLN C 126 11.71 7.92 12.56
N GLU C 127 12.03 8.44 13.74
CA GLU C 127 13.38 8.94 14.06
C GLU C 127 14.49 7.92 13.74
N GLY C 128 15.49 8.37 12.99
CA GLY C 128 16.65 7.55 12.65
C GLY C 128 16.52 6.69 11.40
N LEU C 129 15.29 6.49 10.92
CA LEU C 129 15.03 5.62 9.77
C LEU C 129 15.28 6.34 8.46
N LEU C 130 15.98 5.66 7.55
CA LEU C 130 16.28 6.18 6.21
C LEU C 130 15.49 5.44 5.12
N VAL C 131 15.04 4.24 5.44
CA VAL C 131 14.28 3.42 4.50
C VAL C 131 13.31 2.53 5.27
N GLU C 132 12.14 2.30 4.68
CA GLU C 132 11.16 1.37 5.22
C GLU C 132 10.49 0.66 4.06
N VAL C 133 10.38 -0.67 4.17
CA VAL C 133 9.74 -1.47 3.14
C VAL C 133 8.47 -2.06 3.74
N VAL C 134 7.35 -1.78 3.08
CA VAL C 134 6.03 -2.11 3.61
C VAL C 134 5.18 -2.80 2.55
N ASN C 135 4.03 -3.33 2.98
CA ASN C 135 3.10 -4.01 2.08
C ASN C 135 3.74 -5.12 1.25
N VAL C 136 4.67 -5.85 1.87
CA VAL C 136 5.25 -7.02 1.22
C VAL C 136 4.18 -8.11 1.18
N VAL C 137 3.87 -8.55 -0.03
CA VAL C 137 2.92 -9.64 -0.24
C VAL C 137 3.66 -10.72 -1.04
N ALA C 138 3.60 -11.95 -0.56
CA ALA C 138 4.35 -13.05 -1.18
C ALA C 138 3.53 -14.33 -1.18
N ALA C 139 3.83 -15.23 -2.11
CA ALA C 139 3.19 -16.53 -2.17
C ALA C 139 4.02 -17.55 -1.38
N GLN C 140 3.35 -18.53 -0.77
CA GLN C 140 4.06 -19.62 -0.12
C GLN C 140 4.60 -20.60 -1.16
N LYS C 141 5.73 -21.23 -0.85
CA LYS C 141 6.37 -22.18 -1.75
C LYS C 141 5.79 -23.58 -1.54
C2 LEA D . -9.62 9.34 -1.35
O2 LEA D . -9.54 10.47 -1.87
C3 LEA D . -10.22 9.19 0.03
C4 LEA D . -10.43 10.54 0.73
C5 LEA D . -11.38 10.43 1.92
C6 LEA D . -11.05 9.23 2.79
O1 LEA D . -9.22 8.31 -1.93
C1 BUA E . 7.53 -1.21 11.18
C2 BUA E . 6.13 -0.65 11.34
C3 BUA E . 6.06 0.30 12.53
C4 BUA E . 4.67 0.92 12.68
O1 BUA E . 3.69 0.43 12.08
O2 BUA E . 4.57 1.92 13.43
C2 LEA F . 9.94 2.77 -8.40
O2 LEA F . 9.44 1.90 -7.67
C3 LEA F . 9.21 3.27 -9.64
C4 LEA F . 7.81 2.69 -9.73
C5 LEA F . 7.04 3.16 -10.97
C6 LEA F . 7.66 4.35 -11.67
O1 LEA F . 11.06 3.28 -8.16
#